data_6V2T
#
_entry.id   6V2T
#
_cell.length_a   78.966
_cell.length_b   202.472
_cell.length_c   74.439
_cell.angle_alpha   90.000
_cell.angle_beta   90.000
_cell.angle_gamma   90.000
#
_symmetry.space_group_name_H-M   'C 2 2 21'
#
loop_
_entity.id
_entity.type
_entity.pdbx_description
1 polymer 'dTDP-4-amino-4,6-dideoxyglucose formyltransferase'
2 non-polymer dTDP-4-amino-4,6-dideoxyglucose
3 non-polymer 'FOLIC ACID'
4 non-polymer 1,2-ETHANEDIOL
5 non-polymer 'PHOSPHATE ION'
6 non-polymer 'SODIUM ION'
7 water water
#
_entity_poly.entity_id   1
_entity_poly.type   'polypeptide(L)'
_entity_poly.pdbx_seq_one_letter_code
;MGSSHHHHHHSSENLYFQGGGHMMHVLIVSDNKPLVSFIQNLVAVNADKFQSVTFDYRYSAINKNPASLISLGLTSINVK
SEKDVAHIVEHYELVVSAHCKQIFPSELVNNVRCINIHPGLNPHNRGWFPQVFSIINKKPVGCTIHLMNEEIDDGAILFQ
KEVPIFEWDTSLNVYERVQQTEMDLLKDHLADLVFANYQQKLSYEKGNYNGISDFKALCKLNLDHIGTLRDHIDLLRALS
HGDFNNAYYLRPDGSKVYIRLSAELVK
;
_entity_poly.pdbx_strand_id   A,B
#
# COMPACT_ATOMS: atom_id res chain seq x y z
N HIS A 22 -35.37 -24.22 -27.20
CA HIS A 22 -35.27 -24.17 -25.71
C HIS A 22 -36.26 -25.11 -25.04
N MET A 23 -36.17 -26.42 -25.34
CA MET A 23 -36.88 -27.48 -24.58
C MET A 23 -36.31 -27.52 -23.15
N MET A 24 -35.00 -27.22 -22.98
CA MET A 24 -34.35 -27.29 -21.65
C MET A 24 -34.09 -25.89 -21.06
N HIS A 25 -34.59 -25.63 -19.85
CA HIS A 25 -34.50 -24.33 -19.13
C HIS A 25 -33.41 -24.43 -18.06
N VAL A 26 -32.39 -23.56 -18.15
CA VAL A 26 -31.27 -23.46 -17.17
C VAL A 26 -31.37 -22.10 -16.46
N LEU A 27 -31.39 -22.09 -15.13
CA LEU A 27 -31.26 -20.87 -14.31
C LEU A 27 -29.82 -20.69 -13.84
N ILE A 28 -29.21 -19.53 -14.14
CA ILE A 28 -27.89 -19.09 -13.63
C ILE A 28 -28.18 -18.10 -12.52
N VAL A 29 -27.91 -18.49 -11.27
CA VAL A 29 -28.06 -17.55 -10.12
C VAL A 29 -26.66 -17.11 -9.76
N SER A 30 -26.37 -15.81 -9.85
CA SER A 30 -25.01 -15.28 -9.75
C SER A 30 -25.03 -13.87 -9.16
N ASP A 31 -24.13 -13.66 -8.21
CA ASP A 31 -23.84 -12.35 -7.61
C ASP A 31 -22.46 -11.87 -8.04
N ASN A 32 -21.91 -12.39 -9.16
CA ASN A 32 -20.49 -12.11 -9.56
C ASN A 32 -20.45 -11.66 -11.03
N LYS A 33 -20.26 -10.37 -11.28
CA LYS A 33 -20.38 -9.82 -12.65
C LYS A 33 -19.37 -10.50 -13.58
N PRO A 34 -18.08 -10.67 -13.21
CA PRO A 34 -17.14 -11.32 -14.11
C PRO A 34 -17.63 -12.68 -14.64
N LEU A 35 -18.13 -13.55 -13.75
CA LEU A 35 -18.59 -14.89 -14.17
C LEU A 35 -19.84 -14.75 -15.02
N VAL A 36 -20.76 -13.86 -14.67
CA VAL A 36 -22.03 -13.71 -15.44
C VAL A 36 -21.65 -13.30 -16.88
N SER A 37 -20.83 -12.26 -16.99
CA SER A 37 -20.30 -11.72 -18.28
CA SER A 37 -20.32 -11.72 -18.29
C SER A 37 -19.64 -12.86 -19.06
N PHE A 38 -18.78 -13.62 -18.41
CA PHE A 38 -18.05 -14.72 -19.06
C PHE A 38 -19.02 -15.77 -19.63
N ILE A 39 -20.04 -16.18 -18.86
CA ILE A 39 -21.00 -17.26 -19.23
C ILE A 39 -21.87 -16.75 -20.40
N GLN A 40 -22.29 -15.50 -20.35
CA GLN A 40 -23.20 -14.95 -21.39
C GLN A 40 -22.44 -14.98 -22.72
N ASN A 41 -21.18 -14.58 -22.69
CA ASN A 41 -20.31 -14.63 -23.89
C ASN A 41 -20.16 -16.08 -24.37
N LEU A 42 -19.79 -17.01 -23.48
CA LEU A 42 -19.65 -18.45 -23.82
C LEU A 42 -20.90 -18.95 -24.56
N VAL A 43 -22.08 -18.69 -24.02
CA VAL A 43 -23.36 -19.18 -24.58
C VAL A 43 -23.60 -18.53 -25.95
N ALA A 44 -23.30 -17.23 -26.09
CA ALA A 44 -23.40 -16.46 -27.35
C ALA A 44 -22.56 -17.11 -28.45
N VAL A 45 -21.29 -17.40 -28.18
CA VAL A 45 -20.38 -17.97 -29.20
C VAL A 45 -20.59 -19.49 -29.32
N ASN A 46 -21.46 -20.10 -28.52
CA ASN A 46 -21.75 -21.57 -28.57
C ASN A 46 -23.22 -21.84 -28.86
N ALA A 47 -23.85 -20.97 -29.65
CA ALA A 47 -25.30 -21.03 -29.91
C ALA A 47 -25.67 -22.38 -30.54
N ASP A 48 -24.79 -22.98 -31.35
CA ASP A 48 -25.06 -24.30 -32.01
C ASP A 48 -25.21 -25.38 -30.92
N LYS A 49 -24.30 -25.44 -29.94
CA LYS A 49 -24.34 -26.43 -28.84
C LYS A 49 -25.59 -26.26 -27.96
N PHE A 50 -26.20 -25.07 -27.89
CA PHE A 50 -27.26 -24.74 -26.90
C PHE A 50 -28.57 -24.39 -27.59
N GLN A 51 -28.78 -24.90 -28.81
CA GLN A 51 -29.98 -24.54 -29.61
C GLN A 51 -31.25 -24.99 -28.88
N SER A 52 -31.24 -26.13 -28.17
CA SER A 52 -32.43 -26.60 -27.41
C SER A 52 -32.33 -26.25 -25.92
N VAL A 53 -31.53 -25.24 -25.56
CA VAL A 53 -31.35 -24.79 -24.14
C VAL A 53 -31.64 -23.29 -24.04
N THR A 54 -32.44 -22.87 -23.05
CA THR A 54 -32.65 -21.45 -22.68
C THR A 54 -31.94 -21.20 -21.33
N PHE A 55 -31.20 -20.10 -21.24
CA PHE A 55 -30.54 -19.60 -20.01
C PHE A 55 -31.22 -18.34 -19.52
N ASP A 56 -31.70 -18.38 -18.27
CA ASP A 56 -32.16 -17.19 -17.53
C ASP A 56 -31.10 -16.87 -16.48
N TYR A 57 -30.89 -15.58 -16.23
CA TYR A 57 -29.88 -15.10 -15.24
C TYR A 57 -30.58 -14.32 -14.14
N ARG A 58 -30.28 -14.64 -12.89
CA ARG A 58 -30.86 -13.92 -11.74
C ARG A 58 -29.75 -13.65 -10.75
N TYR A 59 -29.83 -12.55 -10.02
CA TYR A 59 -29.00 -12.28 -8.83
C TYR A 59 -29.86 -12.59 -7.60
N SER A 60 -29.22 -12.75 -6.45
CA SER A 60 -29.89 -13.30 -5.26
C SER A 60 -30.42 -12.15 -4.39
N ALA A 61 -31.55 -12.40 -3.71
CA ALA A 61 -32.25 -11.40 -2.88
C ALA A 61 -31.26 -10.67 -1.95
N ILE A 62 -30.33 -11.40 -1.32
CA ILE A 62 -29.47 -10.89 -0.20
C ILE A 62 -28.38 -9.94 -0.72
N ASN A 63 -28.12 -9.94 -2.03
CA ASN A 63 -27.11 -9.04 -2.69
C ASN A 63 -27.38 -7.59 -2.27
N LYS A 64 -26.39 -6.87 -1.74
CA LYS A 64 -26.60 -5.52 -1.17
C LYS A 64 -26.18 -4.42 -2.17
N ASN A 65 -25.51 -4.77 -3.29
CA ASN A 65 -25.27 -3.83 -4.42
C ASN A 65 -25.36 -4.55 -5.77
N PRO A 66 -26.57 -5.00 -6.19
CA PRO A 66 -26.70 -5.76 -7.43
C PRO A 66 -26.90 -4.92 -8.71
N ALA A 67 -26.71 -3.60 -8.63
CA ALA A 67 -27.02 -2.65 -9.72
C ALA A 67 -26.20 -3.03 -10.97
N SER A 68 -24.90 -3.32 -10.80
CA SER A 68 -23.96 -3.70 -11.90
C SER A 68 -24.53 -4.87 -12.72
N LEU A 69 -25.23 -5.81 -12.07
CA LEU A 69 -25.84 -7.02 -12.70
C LEU A 69 -27.15 -6.66 -13.42
N ILE A 70 -27.86 -5.63 -12.98
CA ILE A 70 -29.06 -5.12 -13.73
C ILE A 70 -28.64 -4.81 -15.18
N SER A 71 -27.49 -4.16 -15.37
CA SER A 71 -26.91 -3.76 -16.70
C SER A 71 -26.86 -4.94 -17.68
N LEU A 72 -26.79 -6.18 -17.19
CA LEU A 72 -26.64 -7.42 -18.00
C LEU A 72 -27.97 -8.19 -18.03
N GLY A 73 -29.06 -7.52 -17.66
CA GLY A 73 -30.44 -8.04 -17.71
C GLY A 73 -30.75 -9.01 -16.59
N LEU A 74 -29.98 -8.99 -15.48
CA LEU A 74 -30.27 -9.84 -14.29
C LEU A 74 -31.28 -9.12 -13.39
N THR A 75 -32.21 -9.90 -12.82
CA THR A 75 -33.14 -9.43 -11.78
C THR A 75 -33.08 -10.39 -10.59
N SER A 76 -33.50 -9.91 -9.43
CA SER A 76 -33.47 -10.61 -8.11
C SER A 76 -34.29 -11.89 -8.17
N ILE A 77 -33.81 -12.96 -7.55
CA ILE A 77 -34.61 -14.16 -7.16
C ILE A 77 -34.28 -14.51 -5.70
N ASN A 78 -35.27 -15.01 -4.97
CA ASN A 78 -35.15 -15.38 -3.53
C ASN A 78 -35.24 -16.91 -3.43
N VAL A 79 -34.10 -17.56 -3.39
CA VAL A 79 -33.92 -19.05 -3.37
C VAL A 79 -34.45 -19.66 -2.04
N LYS A 80 -34.78 -18.85 -1.03
CA LYS A 80 -35.37 -19.31 0.26
C LYS A 80 -36.84 -18.87 0.36
N SER A 81 -37.39 -18.22 -0.68
CA SER A 81 -38.84 -18.02 -0.85
C SER A 81 -39.48 -19.32 -1.33
N GLU A 82 -40.49 -19.81 -0.60
CA GLU A 82 -41.28 -21.01 -0.99
C GLU A 82 -41.90 -20.85 -2.39
N LYS A 83 -42.33 -19.63 -2.72
CA LYS A 83 -42.93 -19.27 -4.04
C LYS A 83 -41.90 -19.49 -5.17
N ASP A 84 -40.69 -18.92 -5.03
CA ASP A 84 -39.62 -18.96 -6.06
C ASP A 84 -39.09 -20.41 -6.18
N VAL A 85 -38.83 -21.08 -5.07
CA VAL A 85 -38.42 -22.52 -5.06
C VAL A 85 -39.40 -23.35 -5.90
N ALA A 86 -40.72 -23.24 -5.67
CA ALA A 86 -41.74 -24.03 -6.40
C ALA A 86 -41.65 -23.70 -7.90
N HIS A 87 -41.54 -22.41 -8.24
CA HIS A 87 -41.40 -21.94 -9.65
C HIS A 87 -40.14 -22.52 -10.32
N ILE A 88 -38.98 -22.41 -9.65
CA ILE A 88 -37.68 -22.98 -10.12
C ILE A 88 -37.87 -24.48 -10.35
N VAL A 89 -38.35 -25.18 -9.32
CA VAL A 89 -38.53 -26.66 -9.37
C VAL A 89 -39.45 -27.02 -10.54
N GLU A 90 -40.48 -26.21 -10.82
CA GLU A 90 -41.50 -26.48 -11.87
C GLU A 90 -40.94 -26.17 -13.28
N HIS A 91 -40.09 -25.16 -13.42
CA HIS A 91 -39.75 -24.53 -14.74
C HIS A 91 -38.39 -25.02 -15.26
N TYR A 92 -37.41 -25.24 -14.39
CA TYR A 92 -35.96 -25.33 -14.71
C TYR A 92 -35.45 -26.75 -14.52
N GLU A 93 -34.66 -27.25 -15.47
CA GLU A 93 -34.07 -28.60 -15.48
C GLU A 93 -32.74 -28.59 -14.68
N LEU A 94 -32.10 -27.42 -14.55
CA LEU A 94 -30.74 -27.23 -13.97
C LEU A 94 -30.63 -25.82 -13.40
N VAL A 95 -30.12 -25.71 -12.16
CA VAL A 95 -29.70 -24.41 -11.58
C VAL A 95 -28.18 -24.44 -11.45
N VAL A 96 -27.51 -23.41 -11.97
CA VAL A 96 -26.05 -23.15 -11.74
C VAL A 96 -25.91 -21.96 -10.80
N SER A 97 -25.25 -22.19 -9.68
CA SER A 97 -24.82 -21.14 -8.73
C SER A 97 -23.43 -20.72 -9.15
N ALA A 98 -23.28 -19.48 -9.59
CA ALA A 98 -21.95 -18.88 -9.91
C ALA A 98 -21.72 -17.77 -8.89
N HIS A 99 -21.29 -18.15 -7.67
CA HIS A 99 -21.02 -17.24 -6.53
C HIS A 99 -22.34 -16.60 -6.13
N CYS A 100 -23.38 -17.43 -6.00
CA CYS A 100 -24.70 -17.08 -5.43
C CYS A 100 -24.50 -16.86 -3.93
N LYS A 101 -24.87 -15.69 -3.42
CA LYS A 101 -24.68 -15.30 -2.00
C LYS A 101 -25.71 -16.02 -1.11
N GLN A 102 -26.67 -16.76 -1.68
CA GLN A 102 -27.73 -17.45 -0.90
C GLN A 102 -27.45 -18.95 -0.83
N ILE A 103 -27.65 -19.49 0.37
CA ILE A 103 -27.66 -20.95 0.63
C ILE A 103 -28.97 -21.46 0.04
N PHE A 104 -28.88 -22.48 -0.82
CA PHE A 104 -30.04 -23.18 -1.42
C PHE A 104 -30.67 -24.05 -0.32
N PRO A 105 -32.01 -23.98 -0.11
CA PRO A 105 -32.68 -24.85 0.85
C PRO A 105 -32.75 -26.27 0.28
N SER A 106 -32.88 -27.23 1.19
CA SER A 106 -32.90 -28.69 0.87
C SER A 106 -34.00 -29.00 -0.15
N GLU A 107 -35.13 -28.30 -0.08
CA GLU A 107 -36.30 -28.46 -0.98
C GLU A 107 -35.91 -28.08 -2.42
N LEU A 108 -34.90 -27.23 -2.61
CA LEU A 108 -34.43 -26.87 -3.98
C LEU A 108 -33.42 -27.92 -4.46
N VAL A 109 -32.35 -28.16 -3.69
CA VAL A 109 -31.20 -29.02 -4.13
C VAL A 109 -31.67 -30.47 -4.27
N ASN A 110 -32.72 -30.88 -3.54
CA ASN A 110 -33.18 -32.29 -3.55
C ASN A 110 -34.14 -32.50 -4.73
N ASN A 111 -34.74 -31.43 -5.27
CA ASN A 111 -35.86 -31.58 -6.24
C ASN A 111 -35.45 -31.10 -7.63
N VAL A 112 -34.28 -30.49 -7.79
CA VAL A 112 -33.78 -30.11 -9.14
C VAL A 112 -32.26 -30.15 -9.08
N ARG A 113 -31.63 -30.52 -10.20
CA ARG A 113 -30.16 -30.63 -10.34
C ARG A 113 -29.54 -29.23 -10.17
N CYS A 114 -28.72 -29.07 -9.14
CA CYS A 114 -28.06 -27.81 -8.74
C CYS A 114 -26.55 -28.00 -8.76
N ILE A 115 -25.82 -27.10 -9.43
CA ILE A 115 -24.34 -27.18 -9.61
C ILE A 115 -23.76 -25.83 -9.23
N ASN A 116 -22.73 -25.85 -8.38
CA ASN A 116 -22.10 -24.65 -7.81
C ASN A 116 -20.72 -24.51 -8.41
N ILE A 117 -20.33 -23.27 -8.72
CA ILE A 117 -18.94 -22.93 -9.13
C ILE A 117 -18.26 -22.28 -7.92
N HIS A 118 -17.38 -23.05 -7.27
CA HIS A 118 -16.79 -22.65 -5.97
C HIS A 118 -15.35 -22.19 -6.17
N PRO A 119 -14.98 -20.99 -5.67
CA PRO A 119 -13.63 -20.47 -5.82
C PRO A 119 -12.70 -20.99 -4.71
N GLY A 120 -12.76 -22.30 -4.50
CA GLY A 120 -11.82 -23.07 -3.67
C GLY A 120 -11.61 -24.46 -4.24
N LEU A 121 -10.60 -25.16 -3.73
CA LEU A 121 -10.37 -26.57 -4.10
C LEU A 121 -10.97 -27.47 -3.01
N ASN A 122 -12.23 -27.88 -3.16
CA ASN A 122 -12.88 -28.78 -2.17
C ASN A 122 -12.01 -30.04 -2.05
N PRO A 123 -11.85 -30.59 -0.83
CA PRO A 123 -12.57 -30.14 0.36
C PRO A 123 -11.79 -29.14 1.24
N HIS A 124 -10.68 -28.58 0.73
CA HIS A 124 -9.81 -27.62 1.47
C HIS A 124 -10.44 -26.23 1.51
N ASN A 125 -10.52 -25.65 2.70
CA ASN A 125 -10.95 -24.24 2.93
C ASN A 125 -12.29 -24.06 2.25
N ARG A 126 -13.19 -25.02 2.45
CA ARG A 126 -14.63 -24.87 2.09
C ARG A 126 -15.12 -23.58 2.75
N GLY A 127 -16.09 -22.93 2.13
CA GLY A 127 -16.76 -21.75 2.67
C GLY A 127 -16.10 -20.46 2.23
N TRP A 128 -15.84 -19.59 3.20
CA TRP A 128 -15.68 -18.14 2.93
C TRP A 128 -14.24 -17.84 2.47
N PHE A 129 -14.11 -17.13 1.36
CA PHE A 129 -12.83 -16.56 0.86
C PHE A 129 -11.69 -17.58 0.96
N PRO A 130 -11.76 -18.75 0.27
CA PRO A 130 -10.76 -19.80 0.43
C PRO A 130 -9.29 -19.36 0.33
N GLN A 131 -8.94 -18.47 -0.61
CA GLN A 131 -7.53 -18.08 -0.90
C GLN A 131 -6.92 -17.34 0.30
N VAL A 132 -7.73 -16.63 1.08
CA VAL A 132 -7.28 -15.94 2.31
C VAL A 132 -6.74 -16.99 3.27
N PHE A 133 -7.58 -18.00 3.55
CA PHE A 133 -7.21 -19.12 4.45
C PHE A 133 -6.02 -19.91 3.85
N SER A 134 -5.96 -20.15 2.54
CA SER A 134 -4.88 -20.92 1.87
C SER A 134 -3.53 -20.19 1.96
N ILE A 135 -3.49 -18.87 1.81
CA ILE A 135 -2.24 -18.08 1.99
C ILE A 135 -1.68 -18.32 3.40
N ILE A 136 -2.54 -18.41 4.40
CA ILE A 136 -2.15 -18.62 5.83
C ILE A 136 -1.86 -20.09 6.08
N ASN A 137 -2.78 -20.99 5.73
CA ASN A 137 -2.68 -22.40 6.21
C ASN A 137 -2.05 -23.30 5.16
N LYS A 138 -1.78 -22.79 3.94
CA LYS A 138 -1.00 -23.48 2.89
C LYS A 138 -1.74 -24.70 2.30
N LYS A 139 -3.03 -24.88 2.57
CA LYS A 139 -3.88 -25.91 1.92
C LYS A 139 -4.09 -25.51 0.46
N PRO A 140 -4.31 -26.47 -0.47
CA PRO A 140 -4.62 -26.15 -1.86
C PRO A 140 -5.81 -25.18 -2.02
N VAL A 141 -5.78 -24.46 -3.14
CA VAL A 141 -6.87 -23.58 -3.63
C VAL A 141 -6.98 -23.72 -5.15
N GLY A 142 -8.09 -23.24 -5.69
CA GLY A 142 -8.41 -23.39 -7.11
C GLY A 142 -9.90 -23.26 -7.24
N CYS A 143 -10.48 -23.89 -8.26
CA CYS A 143 -11.92 -23.87 -8.55
C CYS A 143 -12.44 -25.30 -8.49
N THR A 144 -13.57 -25.49 -7.83
CA THR A 144 -14.38 -26.73 -7.83
C THR A 144 -15.78 -26.45 -8.39
N ILE A 145 -16.16 -27.19 -9.42
CA ILE A 145 -17.57 -27.29 -9.87
C ILE A 145 -18.16 -28.58 -9.30
N HIS A 146 -19.20 -28.45 -8.49
CA HIS A 146 -19.77 -29.61 -7.76
C HIS A 146 -21.29 -29.57 -7.74
N LEU A 147 -21.87 -30.75 -7.64
CA LEU A 147 -23.30 -30.92 -7.33
C LEU A 147 -23.53 -30.30 -5.96
N MET A 148 -24.67 -29.66 -5.79
CA MET A 148 -25.05 -28.98 -4.53
C MET A 148 -25.96 -29.91 -3.71
N ASN A 149 -25.53 -30.21 -2.49
CA ASN A 149 -26.33 -31.02 -1.53
C ASN A 149 -26.76 -30.04 -0.45
N GLU A 150 -27.30 -30.58 0.66
CA GLU A 150 -27.81 -29.84 1.84
C GLU A 150 -26.75 -28.90 2.41
N GLU A 151 -25.50 -29.32 2.41
CA GLU A 151 -24.40 -28.59 3.10
C GLU A 151 -23.61 -27.74 2.09
N ILE A 152 -22.71 -26.90 2.61
CA ILE A 152 -22.06 -25.82 1.81
C ILE A 152 -20.73 -26.34 1.27
N ASP A 153 -20.58 -26.29 -0.06
CA ASP A 153 -19.31 -26.63 -0.75
C ASP A 153 -18.97 -28.09 -0.39
N ASP A 154 -19.99 -28.95 -0.45
CA ASP A 154 -19.92 -30.35 0.07
C ASP A 154 -20.23 -31.40 -1.00
N GLY A 155 -21.01 -31.10 -2.04
CA GLY A 155 -21.49 -32.15 -2.95
C GLY A 155 -20.42 -32.71 -3.88
N ALA A 156 -20.79 -33.77 -4.61
CA ALA A 156 -19.91 -34.51 -5.56
C ALA A 156 -19.18 -33.53 -6.47
N ILE A 157 -17.88 -33.75 -6.59
CA ILE A 157 -16.98 -32.98 -7.48
C ILE A 157 -17.23 -33.44 -8.91
N LEU A 158 -17.50 -32.50 -9.81
CA LEU A 158 -17.64 -32.74 -11.25
C LEU A 158 -16.35 -32.35 -11.97
N PHE A 159 -15.83 -31.13 -11.77
CA PHE A 159 -14.53 -30.65 -12.32
C PHE A 159 -13.82 -29.80 -11.28
N GLN A 160 -12.52 -29.96 -11.12
CA GLN A 160 -11.78 -29.03 -10.25
C GLN A 160 -10.37 -28.88 -10.79
N LYS A 161 -9.76 -27.75 -10.44
CA LYS A 161 -8.41 -27.43 -10.94
C LYS A 161 -7.72 -26.59 -9.86
N GLU A 162 -6.55 -27.04 -9.43
CA GLU A 162 -5.72 -26.31 -8.44
C GLU A 162 -5.09 -25.12 -9.13
N VAL A 163 -4.94 -24.01 -8.39
CA VAL A 163 -4.08 -22.89 -8.82
C VAL A 163 -2.97 -22.72 -7.78
N PRO A 164 -1.73 -22.49 -8.24
CA PRO A 164 -0.60 -22.37 -7.31
C PRO A 164 -0.66 -21.04 -6.54
N ILE A 165 -0.07 -21.01 -5.33
CA ILE A 165 0.11 -19.75 -4.55
C ILE A 165 1.61 -19.46 -4.44
N PHE A 166 2.00 -18.20 -4.63
CA PHE A 166 3.38 -17.74 -4.48
C PHE A 166 3.53 -16.89 -3.22
N GLU A 167 4.77 -16.71 -2.75
CA GLU A 167 5.03 -15.96 -1.49
C GLU A 167 4.79 -14.46 -1.67
N TRP A 168 4.79 -13.93 -2.90
CA TRP A 168 4.50 -12.51 -3.18
C TRP A 168 3.02 -12.27 -3.51
N ASP A 169 2.16 -13.27 -3.39
CA ASP A 169 0.70 -13.09 -3.69
C ASP A 169 0.01 -12.42 -2.50
N THR A 170 -0.88 -11.49 -2.77
CA THR A 170 -1.99 -11.11 -1.86
C THR A 170 -3.22 -11.95 -2.17
N SER A 171 -4.28 -11.76 -1.39
CA SER A 171 -5.60 -12.37 -1.66
C SER A 171 -6.05 -12.00 -3.07
N LEU A 172 -5.86 -10.75 -3.47
CA LEU A 172 -6.35 -10.27 -4.79
C LEU A 172 -5.64 -11.05 -5.89
N ASN A 173 -4.32 -11.21 -5.79
CA ASN A 173 -3.53 -11.94 -6.82
C ASN A 173 -4.07 -13.38 -6.93
N VAL A 174 -4.28 -14.07 -5.82
CA VAL A 174 -4.72 -15.47 -5.87
C VAL A 174 -6.16 -15.54 -6.39
N TYR A 175 -7.02 -14.63 -5.92
CA TYR A 175 -8.43 -14.58 -6.34
C TYR A 175 -8.56 -14.37 -7.85
N GLU A 176 -7.81 -13.43 -8.44
CA GLU A 176 -7.84 -13.22 -9.91
C GLU A 176 -7.42 -14.50 -10.65
N ARG A 177 -6.41 -15.20 -10.14
CA ARG A 177 -5.95 -16.51 -10.69
C ARG A 177 -7.04 -17.60 -10.59
N VAL A 178 -7.68 -17.76 -9.43
CA VAL A 178 -8.84 -18.66 -9.24
C VAL A 178 -9.95 -18.29 -10.25
N GLN A 179 -10.26 -17.01 -10.42
CA GLN A 179 -11.36 -16.58 -11.32
C GLN A 179 -11.01 -16.97 -12.77
N GLN A 180 -9.75 -16.82 -13.17
CA GLN A 180 -9.30 -17.21 -14.54
C GLN A 180 -9.43 -18.75 -14.67
N THR A 181 -9.17 -19.51 -13.61
CA THR A 181 -9.41 -20.97 -13.64
C THR A 181 -10.91 -21.31 -13.68
N GLU A 182 -11.78 -20.56 -12.99
CA GLU A 182 -13.24 -20.80 -13.10
C GLU A 182 -13.63 -20.67 -14.58
N MET A 183 -13.15 -19.61 -15.23
CA MET A 183 -13.48 -19.28 -16.63
C MET A 183 -12.93 -20.37 -17.57
N ASP A 184 -11.72 -20.85 -17.32
CA ASP A 184 -11.09 -21.95 -18.11
C ASP A 184 -11.95 -23.22 -17.99
N LEU A 185 -12.44 -23.55 -16.79
CA LEU A 185 -13.25 -24.76 -16.57
C LEU A 185 -14.60 -24.55 -17.23
N LEU A 186 -15.15 -23.34 -17.20
CA LEU A 186 -16.48 -23.12 -17.81
C LEU A 186 -16.34 -23.21 -19.34
N LYS A 187 -15.30 -22.58 -19.89
CA LYS A 187 -15.03 -22.68 -21.35
C LYS A 187 -14.97 -24.15 -21.78
N ASP A 188 -14.26 -24.99 -21.05
CA ASP A 188 -14.09 -26.41 -21.40
C ASP A 188 -15.35 -27.21 -21.07
N HIS A 189 -16.14 -26.87 -20.04
CA HIS A 189 -17.10 -27.83 -19.44
C HIS A 189 -18.54 -27.31 -19.31
N LEU A 190 -18.85 -26.07 -19.70
CA LEU A 190 -20.23 -25.55 -19.53
C LEU A 190 -21.23 -26.51 -20.19
N ALA A 191 -20.99 -26.94 -21.44
CA ALA A 191 -21.93 -27.84 -22.15
C ALA A 191 -21.98 -29.21 -21.45
N ASP A 192 -20.83 -29.71 -21.01
CA ASP A 192 -20.74 -30.97 -20.22
C ASP A 192 -21.66 -30.84 -19.02
N LEU A 193 -21.62 -29.71 -18.32
CA LEU A 193 -22.46 -29.49 -17.12
C LEU A 193 -23.95 -29.50 -17.52
N VAL A 194 -24.31 -28.82 -18.59
CA VAL A 194 -25.75 -28.72 -18.99
C VAL A 194 -26.30 -30.10 -19.37
N PHE A 195 -25.53 -30.85 -20.16
CA PHE A 195 -25.91 -32.17 -20.73
C PHE A 195 -25.47 -33.33 -19.82
N ALA A 196 -25.03 -33.03 -18.59
CA ALA A 196 -24.66 -34.01 -17.55
C ALA A 196 -23.60 -34.95 -18.10
N ASN A 197 -22.68 -34.46 -18.95
CA ASN A 197 -21.53 -35.26 -19.46
C ASN A 197 -20.39 -35.21 -18.44
N TYR A 198 -20.52 -35.89 -17.31
CA TYR A 198 -19.46 -35.89 -16.26
C TYR A 198 -19.57 -37.13 -15.37
N GLN A 199 -18.59 -37.30 -14.47
CA GLN A 199 -18.58 -38.38 -13.45
C GLN A 199 -18.50 -37.76 -12.05
N GLN A 200 -19.43 -38.11 -11.19
CA GLN A 200 -19.46 -37.60 -9.80
C GLN A 200 -18.23 -38.20 -9.07
N LYS A 201 -17.43 -37.36 -8.42
CA LYS A 201 -16.19 -37.77 -7.70
C LYS A 201 -16.29 -37.34 -6.23
N LEU A 202 -15.67 -38.11 -5.34
CA LEU A 202 -15.62 -37.83 -3.88
C LEU A 202 -14.16 -37.66 -3.47
N SER A 203 -13.89 -36.75 -2.53
CA SER A 203 -12.53 -36.58 -1.96
C SER A 203 -12.34 -37.66 -0.89
N TYR A 204 -11.14 -38.24 -0.84
CA TYR A 204 -10.64 -39.16 0.22
C TYR A 204 -10.28 -38.37 1.47
N GLU A 205 -10.11 -37.05 1.36
CA GLU A 205 -9.62 -36.17 2.45
C GLU A 205 -10.81 -35.56 3.17
N LYS A 206 -10.65 -35.31 4.47
CA LYS A 206 -11.70 -34.74 5.34
C LYS A 206 -11.90 -33.26 4.98
N GLY A 207 -10.82 -32.53 4.77
CA GLY A 207 -10.92 -31.07 4.47
C GLY A 207 -11.33 -30.27 5.70
N ASN A 208 -11.91 -29.09 5.48
CA ASN A 208 -12.20 -28.12 6.57
C ASN A 208 -13.09 -27.01 6.00
N TYR A 209 -13.78 -26.30 6.88
CA TYR A 209 -14.73 -25.24 6.48
C TYR A 209 -14.29 -23.96 7.19
N ASN A 210 -14.34 -22.83 6.48
CA ASN A 210 -14.17 -21.49 7.10
C ASN A 210 -15.45 -20.67 6.87
N GLY A 211 -16.01 -20.15 7.95
CA GLY A 211 -17.24 -19.33 7.88
C GLY A 211 -16.88 -17.86 7.95
N ILE A 212 -17.85 -16.97 7.70
CA ILE A 212 -17.69 -15.49 7.70
C ILE A 212 -17.15 -15.06 9.07
N SER A 213 -17.51 -15.76 10.15
CA SER A 213 -17.08 -15.40 11.54
C SER A 213 -15.58 -15.71 11.73
N ASP A 214 -15.05 -16.72 11.05
CA ASP A 214 -13.60 -17.05 11.08
C ASP A 214 -12.82 -15.96 10.36
N PHE A 215 -13.37 -15.41 9.29
CA PHE A 215 -12.71 -14.34 8.52
C PHE A 215 -12.70 -13.06 9.37
N LYS A 216 -13.81 -12.72 10.05
CA LYS A 216 -13.87 -11.56 10.99
C LYS A 216 -12.83 -11.72 12.10
N ALA A 217 -12.66 -12.93 12.60
CA ALA A 217 -11.62 -13.30 13.58
C ALA A 217 -10.23 -12.91 13.07
N LEU A 218 -9.89 -13.34 11.85
CA LEU A 218 -8.55 -13.08 11.27
C LEU A 218 -8.31 -11.59 11.16
N CYS A 219 -9.35 -10.84 10.79
CA CYS A 219 -9.30 -9.39 10.51
C CYS A 219 -8.87 -8.63 11.78
N LYS A 220 -9.34 -9.07 12.96
CA LYS A 220 -8.98 -8.43 14.25
C LYS A 220 -7.53 -8.77 14.58
N LEU A 221 -6.61 -7.88 14.27
CA LEU A 221 -5.16 -8.06 14.53
C LEU A 221 -4.88 -8.00 16.04
N ASN A 222 -3.95 -8.83 16.52
CA ASN A 222 -3.40 -8.76 17.89
C ASN A 222 -1.97 -8.23 17.80
N LEU A 223 -1.78 -6.93 18.00
CA LEU A 223 -0.46 -6.26 17.85
C LEU A 223 0.56 -6.85 18.82
N ASP A 224 0.11 -7.46 19.92
CA ASP A 224 1.00 -8.11 20.92
C ASP A 224 1.39 -9.53 20.47
N HIS A 225 0.73 -10.10 19.44
CA HIS A 225 1.01 -11.48 18.96
C HIS A 225 2.49 -11.59 18.64
N ILE A 226 3.14 -12.66 19.10
CA ILE A 226 4.59 -12.92 18.87
C ILE A 226 4.70 -14.02 17.82
N GLY A 227 5.51 -13.79 16.78
CA GLY A 227 5.72 -14.74 15.68
C GLY A 227 6.80 -14.23 14.75
N THR A 228 7.04 -14.95 13.65
CA THR A 228 8.08 -14.60 12.67
C THR A 228 7.54 -13.51 11.72
N LEU A 229 8.42 -12.67 11.18
CA LEU A 229 8.00 -11.65 10.18
C LEU A 229 7.26 -12.37 9.05
N ARG A 230 7.73 -13.56 8.66
CA ARG A 230 7.08 -14.39 7.60
C ARG A 230 5.61 -14.62 7.93
N ASP A 231 5.31 -15.07 9.16
CA ASP A 231 3.93 -15.39 9.56
C ASP A 231 3.07 -14.12 9.54
N HIS A 232 3.63 -13.01 10.00
CA HIS A 232 2.89 -11.72 10.08
C HIS A 232 2.67 -11.19 8.66
N ILE A 233 3.66 -11.34 7.78
CA ILE A 233 3.53 -10.87 6.36
C ILE A 233 2.48 -11.75 5.66
N ASP A 234 2.50 -13.06 5.91
CA ASP A 234 1.50 -14.00 5.35
C ASP A 234 0.12 -13.59 5.83
N LEU A 235 -0.07 -13.27 7.12
CA LEU A 235 -1.38 -12.85 7.61
C LEU A 235 -1.82 -11.59 6.85
N LEU A 236 -0.93 -10.63 6.68
CA LEU A 236 -1.36 -9.30 6.17
C LEU A 236 -1.60 -9.39 4.65
N ARG A 237 -0.81 -10.19 3.96
CA ARG A 237 -1.01 -10.34 2.49
C ARG A 237 -2.29 -11.17 2.24
N ALA A 238 -2.64 -12.12 3.11
CA ALA A 238 -3.91 -12.91 3.10
C ALA A 238 -5.10 -11.95 3.21
N LEU A 239 -4.94 -10.87 3.98
CA LEU A 239 -6.04 -9.92 4.31
C LEU A 239 -5.95 -8.69 3.41
N SER A 240 -5.09 -8.72 2.40
CA SER A 240 -4.94 -7.56 1.51
C SER A 240 -5.62 -7.88 0.19
N HIS A 241 -6.61 -7.07 -0.19
CA HIS A 241 -7.44 -7.37 -1.38
C HIS A 241 -7.93 -6.06 -1.98
N GLY A 242 -7.11 -5.50 -2.86
CA GLY A 242 -7.28 -4.16 -3.46
C GLY A 242 -7.77 -3.17 -2.43
N ASP A 243 -8.99 -2.67 -2.56
CA ASP A 243 -9.48 -1.53 -1.73
C ASP A 243 -10.28 -2.03 -0.54
N PHE A 244 -10.37 -3.33 -0.27
CA PHE A 244 -11.19 -3.81 0.86
C PHE A 244 -10.47 -3.41 2.17
N ASN A 245 -11.26 -2.98 3.15
CA ASN A 245 -10.74 -2.65 4.50
C ASN A 245 -11.01 -3.88 5.38
N ASN A 246 -10.01 -4.75 5.50
CA ASN A 246 -10.08 -6.06 6.17
C ASN A 246 -9.33 -6.01 7.51
N ALA A 247 -7.98 -6.08 7.49
CA ALA A 247 -7.14 -6.23 8.70
C ALA A 247 -7.20 -4.92 9.49
N TYR A 248 -7.45 -4.99 10.79
CA TYR A 248 -7.48 -3.75 11.59
C TYR A 248 -7.03 -4.06 13.01
N TYR A 249 -6.63 -3.00 13.73
CA TYR A 249 -6.65 -2.94 15.21
C TYR A 249 -7.46 -1.73 15.68
N LEU A 250 -7.94 -1.81 16.93
CA LEU A 250 -8.75 -0.73 17.56
C LEU A 250 -7.82 0.22 18.31
N ARG A 251 -7.94 1.52 18.11
CA ARG A 251 -7.27 2.54 18.97
CA ARG A 251 -7.23 2.47 19.00
C ARG A 251 -8.02 2.62 20.30
N PRO A 252 -7.40 3.18 21.39
CA PRO A 252 -8.09 3.33 22.68
C PRO A 252 -9.50 3.91 22.55
N ASP A 253 -9.65 4.96 21.75
CA ASP A 253 -10.91 5.72 21.58
C ASP A 253 -11.89 4.94 20.70
N GLY A 254 -11.53 3.72 20.22
CA GLY A 254 -12.43 2.86 19.44
C GLY A 254 -12.31 3.07 17.93
N SER A 255 -11.51 4.06 17.51
CA SER A 255 -11.18 4.28 16.08
CA SER A 255 -11.16 4.29 16.09
C SER A 255 -10.42 3.05 15.56
N LYS A 256 -10.46 2.84 14.25
CA LYS A 256 -9.84 1.64 13.64
C LYS A 256 -8.61 2.08 12.86
N VAL A 257 -7.56 1.28 12.92
CA VAL A 257 -6.41 1.38 11.99
C VAL A 257 -6.46 0.17 11.05
N TYR A 258 -6.79 0.38 9.79
CA TYR A 258 -6.77 -0.68 8.75
C TYR A 258 -5.35 -0.81 8.18
N ILE A 259 -4.88 -2.05 8.09
CA ILE A 259 -3.54 -2.43 7.56
C ILE A 259 -3.71 -3.16 6.22
N ARG A 260 -3.00 -2.69 5.20
CA ARG A 260 -2.87 -3.38 3.90
C ARG A 260 -1.39 -3.54 3.57
N LEU A 261 -1.08 -4.59 2.84
CA LEU A 261 0.32 -4.93 2.47
C LEU A 261 0.34 -5.27 0.98
N SER A 262 1.37 -4.83 0.27
CA SER A 262 1.63 -5.25 -1.12
C SER A 262 2.95 -5.99 -1.14
N ALA A 263 3.14 -6.93 -2.07
CA ALA A 263 4.42 -7.62 -2.27
C ALA A 263 4.69 -7.68 -3.77
N GLU A 264 5.87 -7.26 -4.19
CA GLU A 264 6.17 -7.08 -5.64
C GLU A 264 7.47 -7.80 -5.95
N LEU A 265 7.41 -8.85 -6.74
CA LEU A 265 8.58 -9.61 -7.21
C LEU A 265 9.32 -8.77 -8.24
N VAL A 266 10.65 -8.69 -8.11
CA VAL A 266 11.53 -7.95 -9.06
C VAL A 266 12.71 -8.87 -9.37
N LYS A 267 12.87 -9.26 -10.65
CA LYS A 267 14.03 -10.07 -11.10
C LYS A 267 15.28 -9.18 -11.12
N ASN B 14 30.51 62.94 4.50
CA ASN B 14 30.25 63.40 5.90
C ASN B 14 28.74 63.37 6.22
N LEU B 15 27.89 62.99 5.25
CA LEU B 15 26.40 62.99 5.39
C LEU B 15 25.84 61.59 5.10
N TYR B 16 24.85 61.17 5.89
CA TYR B 16 24.09 59.90 5.75
C TYR B 16 22.92 60.13 4.79
N PHE B 17 22.78 59.26 3.77
CA PHE B 17 21.62 59.20 2.84
C PHE B 17 20.56 58.27 3.44
N GLN B 18 19.43 58.82 3.89
CA GLN B 18 18.36 58.12 4.65
C GLN B 18 18.05 56.75 4.03
N HIS B 22 25.03 48.15 1.08
CA HIS B 22 25.55 47.44 -0.11
C HIS B 22 24.92 46.04 -0.18
N MET B 23 24.92 45.45 -1.38
CA MET B 23 24.07 44.29 -1.70
C MET B 23 24.60 43.05 -0.95
N MET B 24 23.72 42.43 -0.18
CA MET B 24 23.97 41.06 0.36
C MET B 24 23.54 40.01 -0.67
N HIS B 25 24.45 39.08 -0.99
CA HIS B 25 24.25 37.89 -1.85
C HIS B 25 24.08 36.66 -0.95
N VAL B 26 22.94 35.98 -1.08
CA VAL B 26 22.63 34.71 -0.37
C VAL B 26 22.58 33.58 -1.40
N LEU B 27 23.37 32.52 -1.19
CA LEU B 27 23.37 31.33 -2.06
C LEU B 27 22.49 30.23 -1.43
N ILE B 28 21.48 29.79 -2.18
CA ILE B 28 20.61 28.67 -1.74
C ILE B 28 21.02 27.44 -2.56
N VAL B 29 21.57 26.43 -1.88
CA VAL B 29 21.94 25.13 -2.48
C VAL B 29 20.90 24.11 -2.04
N SER B 30 20.28 23.48 -3.01
CA SER B 30 19.08 22.64 -2.75
C SER B 30 18.90 21.57 -3.83
N ASP B 31 18.49 20.38 -3.41
CA ASP B 31 18.19 19.24 -4.30
C ASP B 31 16.73 18.81 -4.13
N ASN B 32 15.87 19.72 -3.63
CA ASN B 32 14.45 19.48 -3.30
C ASN B 32 13.59 20.55 -3.99
N LYS B 33 12.84 20.16 -5.02
CA LYS B 33 12.04 21.11 -5.81
C LYS B 33 10.97 21.74 -4.92
N PRO B 34 10.21 20.98 -4.09
CA PRO B 34 9.22 21.59 -3.21
C PRO B 34 9.77 22.74 -2.36
N LEU B 35 10.91 22.56 -1.67
CA LEU B 35 11.60 23.62 -0.87
C LEU B 35 12.02 24.82 -1.75
N VAL B 36 12.80 24.59 -2.80
CA VAL B 36 13.31 25.67 -3.70
C VAL B 36 12.12 26.52 -4.15
N SER B 37 11.16 25.88 -4.81
CA SER B 37 9.95 26.55 -5.34
C SER B 37 9.28 27.35 -4.20
N PHE B 38 9.11 26.75 -3.03
CA PHE B 38 8.52 27.42 -1.84
C PHE B 38 9.38 28.61 -1.40
N ILE B 39 10.70 28.48 -1.39
CA ILE B 39 11.61 29.56 -0.91
C ILE B 39 11.58 30.72 -1.91
N GLN B 40 11.64 30.39 -3.20
CA GLN B 40 11.52 31.41 -4.29
C GLN B 40 10.28 32.27 -4.07
N ASN B 41 9.12 31.64 -3.89
CA ASN B 41 7.86 32.35 -3.61
C ASN B 41 8.00 33.14 -2.30
N LEU B 42 8.52 32.54 -1.25
CA LEU B 42 8.62 33.20 0.10
C LEU B 42 9.42 34.50 -0.01
N VAL B 43 10.44 34.52 -0.88
CA VAL B 43 11.34 35.68 -1.08
C VAL B 43 10.51 36.82 -1.71
N ALA B 44 9.79 36.53 -2.81
CA ALA B 44 8.80 37.45 -3.43
C ALA B 44 7.90 38.06 -2.35
N VAL B 45 7.27 37.25 -1.49
CA VAL B 45 6.23 37.71 -0.50
C VAL B 45 6.86 38.60 0.59
N ASN B 46 8.15 38.39 0.89
CA ASN B 46 8.93 39.20 1.88
C ASN B 46 9.79 40.24 1.14
N ALA B 47 9.47 40.58 -0.12
CA ALA B 47 10.34 41.43 -0.99
C ALA B 47 10.55 42.82 -0.37
N ASP B 48 9.68 43.22 0.56
CA ASP B 48 9.76 44.50 1.33
C ASP B 48 10.85 44.40 2.40
N LYS B 49 11.37 43.19 2.66
CA LYS B 49 12.43 42.93 3.68
C LYS B 49 13.77 42.76 2.97
N PHE B 50 13.76 42.54 1.65
CA PHE B 50 14.92 42.00 0.89
C PHE B 50 15.30 42.93 -0.24
N GLN B 51 14.97 44.22 -0.09
CA GLN B 51 15.41 45.33 -0.98
C GLN B 51 16.89 45.12 -1.31
N SER B 52 17.74 44.84 -0.31
CA SER B 52 19.22 44.82 -0.46
C SER B 52 19.79 43.40 -0.35
N VAL B 53 18.96 42.36 -0.51
CA VAL B 53 19.44 40.93 -0.53
C VAL B 53 19.10 40.32 -1.88
N THR B 54 20.07 39.76 -2.62
CA THR B 54 19.74 38.90 -3.79
C THR B 54 20.09 37.43 -3.51
N PHE B 55 19.11 36.57 -3.83
CA PHE B 55 19.15 35.09 -3.70
C PHE B 55 19.49 34.45 -5.04
N ASP B 56 20.57 33.66 -5.06
CA ASP B 56 20.96 32.77 -6.17
C ASP B 56 20.64 31.33 -5.75
N TYR B 57 20.22 30.48 -6.69
CA TYR B 57 19.80 29.10 -6.41
C TYR B 57 20.66 28.15 -7.24
N ARG B 58 21.14 27.07 -6.62
CA ARG B 58 21.95 26.03 -7.31
CA ARG B 58 21.97 26.02 -7.29
C ARG B 58 21.56 24.65 -6.73
N TYR B 59 21.70 23.60 -7.54
CA TYR B 59 21.49 22.21 -7.09
C TYR B 59 22.85 21.53 -7.06
N SER B 60 22.91 20.35 -6.43
CA SER B 60 24.19 19.63 -6.17
C SER B 60 24.62 18.92 -7.45
N ALA B 61 25.92 18.87 -7.70
CA ALA B 61 26.55 18.19 -8.86
C ALA B 61 26.16 16.71 -8.85
N ILE B 62 26.17 16.09 -7.67
CA ILE B 62 25.95 14.63 -7.49
C ILE B 62 24.46 14.28 -7.69
N ASN B 63 23.59 15.28 -7.78
CA ASN B 63 22.14 15.09 -8.07
C ASN B 63 22.05 14.24 -9.33
N LYS B 64 21.43 13.05 -9.20
CA LYS B 64 21.27 12.06 -10.29
C LYS B 64 20.04 12.39 -11.16
N ASN B 65 19.05 13.16 -10.68
CA ASN B 65 17.86 13.50 -11.52
C ASN B 65 17.51 14.99 -11.41
N PRO B 66 18.29 15.90 -12.01
CA PRO B 66 18.13 17.33 -11.77
C PRO B 66 17.00 18.01 -12.55
N ALA B 67 16.39 17.30 -13.49
CA ALA B 67 15.45 17.84 -14.52
C ALA B 67 14.54 18.93 -13.96
N SER B 68 13.79 18.63 -12.90
CA SER B 68 12.72 19.47 -12.31
C SER B 68 13.33 20.72 -11.67
N LEU B 69 14.61 20.65 -11.30
CA LEU B 69 15.38 21.78 -10.72
C LEU B 69 15.89 22.66 -11.86
N ILE B 70 16.34 22.05 -12.96
CA ILE B 70 16.81 22.77 -14.18
C ILE B 70 15.64 23.51 -14.84
N SER B 71 14.42 23.01 -14.64
CA SER B 71 13.16 23.62 -15.13
C SER B 71 12.82 24.87 -14.33
N LEU B 72 13.36 25.03 -13.11
CA LEU B 72 13.20 26.27 -12.30
C LEU B 72 14.37 27.22 -12.62
N GLY B 73 15.26 26.82 -13.53
CA GLY B 73 16.39 27.65 -14.01
C GLY B 73 17.59 27.52 -13.11
N LEU B 74 17.62 26.51 -12.23
CA LEU B 74 18.79 26.26 -11.35
C LEU B 74 19.88 25.64 -12.23
N THR B 75 21.13 25.91 -11.85
CA THR B 75 22.32 25.29 -12.44
C THR B 75 23.04 24.53 -11.33
N SER B 76 23.99 23.69 -11.71
CA SER B 76 24.75 22.83 -10.78
C SER B 76 25.78 23.68 -10.04
N ILE B 77 26.14 23.26 -8.82
CA ILE B 77 27.38 23.71 -8.12
C ILE B 77 27.98 22.50 -7.44
N ASN B 78 29.31 22.48 -7.31
CA ASN B 78 30.10 21.36 -6.72
C ASN B 78 30.89 21.86 -5.51
N VAL B 79 30.33 21.66 -4.34
CA VAL B 79 30.86 22.14 -3.04
C VAL B 79 32.16 21.39 -2.68
N LYS B 80 32.53 20.36 -3.42
CA LYS B 80 33.85 19.66 -3.26
C LYS B 80 34.84 20.16 -4.32
N SER B 81 34.45 21.08 -5.21
CA SER B 81 35.37 21.75 -6.18
C SER B 81 36.09 22.92 -5.51
N GLU B 82 37.42 22.85 -5.38
CA GLU B 82 38.30 23.97 -4.92
C GLU B 82 37.83 25.29 -5.53
N LYS B 83 37.59 25.30 -6.85
CA LYS B 83 37.15 26.46 -7.66
C LYS B 83 35.78 26.95 -7.19
N ASP B 84 34.79 26.07 -7.03
CA ASP B 84 33.41 26.48 -6.65
C ASP B 84 33.46 27.03 -5.22
N VAL B 85 34.18 26.37 -4.30
CA VAL B 85 34.35 26.85 -2.90
C VAL B 85 34.90 28.28 -2.91
N ALA B 86 35.94 28.55 -3.71
CA ALA B 86 36.57 29.89 -3.81
C ALA B 86 35.51 30.89 -4.28
N HIS B 87 34.74 30.54 -5.32
CA HIS B 87 33.67 31.45 -5.85
C HIS B 87 32.69 31.75 -4.72
N ILE B 88 32.28 30.74 -3.93
CA ILE B 88 31.22 30.97 -2.91
C ILE B 88 31.81 31.94 -1.86
N VAL B 89 32.99 31.61 -1.36
CA VAL B 89 33.70 32.40 -0.32
C VAL B 89 33.93 33.82 -0.83
N GLU B 90 34.29 33.95 -2.11
CA GLU B 90 34.48 35.23 -2.83
C GLU B 90 33.17 36.05 -2.84
N HIS B 91 32.03 35.46 -3.20
CA HIS B 91 30.84 36.19 -3.70
C HIS B 91 29.70 36.27 -2.68
N TYR B 92 29.57 35.30 -1.76
CA TYR B 92 28.34 35.20 -0.92
C TYR B 92 28.62 35.57 0.54
N GLU B 93 27.66 36.23 1.15
CA GLU B 93 27.72 36.55 2.61
C GLU B 93 27.12 35.39 3.42
N LEU B 94 26.23 34.62 2.80
CA LEU B 94 25.49 33.53 3.49
C LEU B 94 25.22 32.38 2.51
N VAL B 95 25.39 31.14 2.94
CA VAL B 95 24.93 29.95 2.19
C VAL B 95 23.89 29.22 3.02
N VAL B 96 22.75 28.87 2.38
CA VAL B 96 21.66 28.05 2.98
C VAL B 96 21.58 26.72 2.22
N SER B 97 21.82 25.63 2.94
CA SER B 97 21.60 24.26 2.47
C SER B 97 20.13 23.93 2.71
N ALA B 98 19.38 23.70 1.65
CA ALA B 98 17.96 23.31 1.71
C ALA B 98 17.85 21.90 1.13
N HIS B 99 18.05 20.89 1.97
CA HIS B 99 18.07 19.47 1.54
C HIS B 99 19.14 19.34 0.44
N CYS B 100 20.36 19.76 0.76
CA CYS B 100 21.55 19.67 -0.12
C CYS B 100 22.14 18.25 -0.02
N LYS B 101 22.28 17.57 -1.16
CA LYS B 101 22.84 16.18 -1.24
C LYS B 101 24.36 16.16 -0.96
N GLN B 102 25.06 17.30 -0.93
CA GLN B 102 26.54 17.29 -0.75
C GLN B 102 26.95 17.70 0.67
N ILE B 103 27.94 17.03 1.23
CA ILE B 103 28.58 17.46 2.50
C ILE B 103 29.44 18.69 2.21
N PHE B 104 29.27 19.77 2.98
CA PHE B 104 30.13 20.98 2.84
C PHE B 104 31.49 20.69 3.43
N PRO B 105 32.60 20.96 2.72
CA PRO B 105 33.93 20.80 3.29
C PRO B 105 34.20 21.85 4.37
N SER B 106 35.13 21.52 5.26
CA SER B 106 35.64 22.42 6.34
C SER B 106 36.02 23.80 5.76
N GLU B 107 36.56 23.88 4.54
CA GLU B 107 36.98 25.14 3.88
C GLU B 107 35.77 26.03 3.55
N LEU B 108 34.57 25.47 3.36
CA LEU B 108 33.35 26.28 3.15
C LEU B 108 32.77 26.70 4.52
N VAL B 109 32.45 25.74 5.39
CA VAL B 109 31.68 25.99 6.65
C VAL B 109 32.48 26.88 7.62
N ASN B 110 33.82 26.80 7.61
CA ASN B 110 34.68 27.56 8.55
C ASN B 110 34.87 29.00 8.07
N ASN B 111 34.63 29.28 6.79
CA ASN B 111 34.95 30.60 6.17
C ASN B 111 33.72 31.39 5.75
N VAL B 112 32.53 30.78 5.73
CA VAL B 112 31.27 31.45 5.30
C VAL B 112 30.17 31.03 6.28
N ARG B 113 29.31 31.95 6.70
CA ARG B 113 28.11 31.60 7.48
C ARG B 113 27.28 30.61 6.64
N CYS B 114 27.21 29.33 7.05
CA CYS B 114 26.41 28.29 6.35
C CYS B 114 25.30 27.81 7.28
N ILE B 115 24.06 27.74 6.77
CA ILE B 115 22.85 27.34 7.54
C ILE B 115 22.13 26.21 6.79
N ASN B 116 21.78 25.15 7.51
CA ASN B 116 21.15 23.93 6.95
C ASN B 116 19.69 23.90 7.39
N ILE B 117 18.83 23.53 6.46
CA ILE B 117 17.41 23.19 6.75
C ILE B 117 17.30 21.67 6.72
N HIS B 118 17.15 21.06 7.89
CA HIS B 118 17.21 19.58 8.07
C HIS B 118 15.82 19.07 8.45
N PRO B 119 15.35 18.02 7.75
CA PRO B 119 14.07 17.39 8.08
C PRO B 119 14.13 16.34 9.20
N GLY B 120 14.87 16.64 10.25
CA GLY B 120 14.89 15.91 11.53
C GLY B 120 14.93 16.89 12.70
N LEU B 121 14.70 16.40 13.91
CA LEU B 121 14.85 17.18 15.16
C LEU B 121 16.21 16.86 15.79
N ASN B 122 17.21 17.65 15.46
CA ASN B 122 18.59 17.48 16.01
C ASN B 122 18.49 17.51 17.53
N PRO B 123 19.26 16.70 18.28
CA PRO B 123 20.28 15.79 17.72
C PRO B 123 19.84 14.33 17.44
N HIS B 124 18.53 14.10 17.43
CA HIS B 124 17.90 12.75 17.30
C HIS B 124 17.83 12.35 15.82
N ASN B 125 18.42 11.22 15.46
CA ASN B 125 18.31 10.65 14.09
C ASN B 125 18.78 11.72 13.11
N ARG B 126 19.95 12.30 13.41
CA ARG B 126 20.76 13.09 12.46
C ARG B 126 21.01 12.19 11.24
N GLY B 127 21.20 12.82 10.08
CA GLY B 127 21.58 12.11 8.83
C GLY B 127 20.38 11.63 8.04
N TRP B 128 20.36 10.38 7.59
CA TRP B 128 19.44 9.94 6.51
C TRP B 128 18.01 9.68 7.01
N PHE B 129 17.04 10.24 6.29
CA PHE B 129 15.62 9.86 6.42
C PHE B 129 15.22 9.78 7.90
N PRO B 130 15.34 10.88 8.65
CA PRO B 130 15.09 10.84 10.10
C PRO B 130 13.76 10.21 10.52
N GLN B 131 12.67 10.47 9.81
CA GLN B 131 11.34 9.93 10.16
C GLN B 131 11.32 8.41 10.02
N VAL B 132 12.12 7.79 9.13
CA VAL B 132 12.17 6.31 9.01
C VAL B 132 12.66 5.73 10.34
N PHE B 133 13.80 6.19 10.79
CA PHE B 133 14.43 5.82 12.09
C PHE B 133 13.50 6.22 13.24
N SER B 134 12.89 7.39 13.23
CA SER B 134 12.02 7.78 14.37
C SER B 134 10.84 6.81 14.49
N ILE B 135 10.25 6.36 13.37
CA ILE B 135 9.00 5.54 13.44
C ILE B 135 9.35 4.28 14.24
N ILE B 136 10.53 3.77 14.00
CA ILE B 136 11.07 2.55 14.63
C ILE B 136 11.58 2.83 16.04
N ASN B 137 12.43 3.84 16.24
CA ASN B 137 13.16 3.97 17.55
C ASN B 137 12.47 4.98 18.48
N LYS B 138 11.38 5.62 18.04
CA LYS B 138 10.49 6.46 18.87
C LYS B 138 11.18 7.74 19.34
N LYS B 139 12.40 8.02 18.88
CA LYS B 139 13.02 9.35 19.04
C LYS B 139 12.17 10.41 18.35
N PRO B 140 12.21 11.67 18.82
CA PRO B 140 11.48 12.76 18.17
C PRO B 140 11.92 13.02 16.72
N VAL B 141 11.04 13.65 15.97
CA VAL B 141 11.36 14.12 14.59
C VAL B 141 10.68 15.48 14.42
N GLY B 142 11.13 16.22 13.41
CA GLY B 142 10.61 17.55 13.08
C GLY B 142 11.55 18.18 12.10
N CYS B 143 11.68 19.51 12.15
CA CYS B 143 12.58 20.31 11.31
C CYS B 143 13.55 21.04 12.24
N THR B 144 14.82 21.07 11.85
CA THR B 144 15.89 21.83 12.54
C THR B 144 16.56 22.76 11.51
N ILE B 145 16.61 24.05 11.83
CA ILE B 145 17.47 25.04 11.11
C ILE B 145 18.68 25.31 11.99
N HIS B 146 19.87 24.96 11.50
CA HIS B 146 21.12 24.97 12.33
C HIS B 146 22.28 25.53 11.53
N LEU B 147 23.23 26.12 12.23
CA LEU B 147 24.54 26.49 11.65
C LEU B 147 25.24 25.19 11.26
N MET B 148 25.94 25.18 10.14
CA MET B 148 26.70 24.01 9.63
C MET B 148 28.14 24.12 10.13
N ASN B 149 28.58 23.09 10.89
CA ASN B 149 30.02 22.89 11.23
C ASN B 149 30.53 21.78 10.29
N GLU B 150 31.69 21.24 10.60
CA GLU B 150 32.37 20.22 9.78
C GLU B 150 31.65 18.88 9.89
N GLU B 151 30.90 18.62 10.97
CA GLU B 151 30.15 17.36 11.20
C GLU B 151 28.76 17.52 10.56
N ILE B 152 28.01 16.44 10.48
CA ILE B 152 26.72 16.42 9.74
C ILE B 152 25.59 16.64 10.74
N ASP B 153 24.72 17.62 10.43
CA ASP B 153 23.47 17.87 11.17
C ASP B 153 23.83 18.06 12.65
N ASP B 154 24.92 18.81 12.91
CA ASP B 154 25.62 18.86 14.23
C ASP B 154 25.75 20.29 14.77
N GLY B 155 25.76 21.34 13.94
CA GLY B 155 26.00 22.73 14.37
C GLY B 155 24.86 23.32 15.20
N ALA B 156 25.05 24.54 15.74
CA ALA B 156 24.15 25.17 16.73
C ALA B 156 22.75 25.32 16.12
N ILE B 157 21.75 24.89 16.88
CA ILE B 157 20.31 25.00 16.52
C ILE B 157 19.93 26.48 16.59
N LEU B 158 19.36 26.99 15.50
CA LEU B 158 18.78 28.35 15.41
C LEU B 158 17.27 28.31 15.70
N PHE B 159 16.55 27.47 14.98
CA PHE B 159 15.09 27.27 15.17
C PHE B 159 14.80 25.79 14.98
N GLN B 160 13.87 25.22 15.73
CA GLN B 160 13.43 23.85 15.44
C GLN B 160 12.00 23.64 15.96
N LYS B 161 11.29 22.71 15.34
CA LYS B 161 9.92 22.33 15.77
C LYS B 161 9.71 20.84 15.56
N GLU B 162 9.28 20.17 16.62
CA GLU B 162 8.93 18.74 16.65
C GLU B 162 7.60 18.59 15.92
N VAL B 163 7.44 17.48 15.23
CA VAL B 163 6.12 17.07 14.67
C VAL B 163 5.81 15.74 15.31
N PRO B 164 4.50 15.50 15.57
CA PRO B 164 4.06 14.25 16.17
C PRO B 164 4.18 13.13 15.13
N ILE B 165 4.41 11.92 15.63
CA ILE B 165 4.29 10.64 14.88
C ILE B 165 3.11 9.86 15.44
N PHE B 166 2.22 9.41 14.58
CA PHE B 166 1.07 8.55 14.97
C PHE B 166 1.38 7.09 14.65
N GLU B 167 0.70 6.18 15.36
CA GLU B 167 0.70 4.70 15.18
CA GLU B 167 0.88 4.72 15.15
C GLU B 167 0.49 4.34 13.71
N TRP B 168 -0.39 5.09 13.03
CA TRP B 168 -0.87 4.76 11.67
C TRP B 168 -0.06 5.52 10.60
N ASP B 169 1.08 6.09 10.95
CA ASP B 169 1.92 6.87 10.01
C ASP B 169 2.86 5.89 9.28
N THR B 170 3.00 6.09 7.96
CA THR B 170 4.17 5.63 7.18
C THR B 170 5.23 6.71 7.19
N SER B 171 6.40 6.39 6.67
CA SER B 171 7.44 7.37 6.32
C SER B 171 6.81 8.53 5.53
N LEU B 172 5.95 8.26 4.56
CA LEU B 172 5.44 9.34 3.68
C LEU B 172 4.57 10.29 4.54
N ASN B 173 3.70 9.74 5.35
CA ASN B 173 2.83 10.53 6.26
C ASN B 173 3.70 11.45 7.12
N VAL B 174 4.74 10.93 7.82
CA VAL B 174 5.56 11.79 8.70
C VAL B 174 6.32 12.82 7.85
N TYR B 175 6.89 12.41 6.72
CA TYR B 175 7.71 13.30 5.88
C TYR B 175 6.88 14.50 5.44
N GLU B 176 5.63 14.28 5.03
CA GLU B 176 4.78 15.39 4.57
C GLU B 176 4.51 16.36 5.73
N ARG B 177 4.31 15.85 6.93
CA ARG B 177 4.03 16.68 8.13
C ARG B 177 5.31 17.48 8.45
N VAL B 178 6.48 16.88 8.30
CA VAL B 178 7.79 17.57 8.49
C VAL B 178 7.91 18.68 7.44
N GLN B 179 7.58 18.37 6.18
CA GLN B 179 7.70 19.36 5.08
C GLN B 179 6.82 20.58 5.42
N GLN B 180 5.63 20.37 5.99
CA GLN B 180 4.72 21.49 6.34
C GLN B 180 5.36 22.36 7.43
N THR B 181 5.95 21.73 8.44
CA THR B 181 6.66 22.38 9.55
C THR B 181 7.89 23.14 9.03
N GLU B 182 8.64 22.57 8.08
CA GLU B 182 9.79 23.24 7.43
C GLU B 182 9.27 24.51 6.75
N MET B 183 8.11 24.43 6.08
CA MET B 183 7.55 25.61 5.40
C MET B 183 7.08 26.65 6.42
N ASP B 184 6.45 26.22 7.51
CA ASP B 184 6.04 27.10 8.63
C ASP B 184 7.26 27.82 9.20
N LEU B 185 8.36 27.10 9.52
CA LEU B 185 9.59 27.72 10.05
C LEU B 185 10.16 28.76 9.08
N LEU B 186 10.22 28.45 7.80
CA LEU B 186 10.77 29.40 6.80
C LEU B 186 9.86 30.64 6.72
N LYS B 187 8.55 30.49 6.72
CA LYS B 187 7.61 31.65 6.67
C LYS B 187 7.96 32.60 7.82
N ASP B 188 8.04 32.05 9.02
CA ASP B 188 8.35 32.78 10.27
C ASP B 188 9.81 33.26 10.34
N HIS B 189 10.79 32.62 9.71
CA HIS B 189 12.23 32.82 10.06
C HIS B 189 13.17 32.96 8.89
N LEU B 190 12.74 32.97 7.62
CA LEU B 190 13.71 33.11 6.52
C LEU B 190 14.44 34.45 6.68
N ALA B 191 13.73 35.58 6.87
CA ALA B 191 14.34 36.91 7.04
C ALA B 191 15.29 36.88 8.24
N ASP B 192 14.81 36.30 9.35
CA ASP B 192 15.56 36.16 10.62
C ASP B 192 16.89 35.47 10.36
N LEU B 193 16.89 34.39 9.57
CA LEU B 193 18.11 33.61 9.22
C LEU B 193 19.08 34.49 8.46
N VAL B 194 18.56 35.13 7.42
CA VAL B 194 19.36 36.01 6.56
C VAL B 194 20.02 37.11 7.41
N PHE B 195 19.30 37.74 8.36
CA PHE B 195 19.75 38.97 9.08
C PHE B 195 20.29 38.63 10.48
N ALA B 196 20.51 37.34 10.76
CA ALA B 196 21.06 36.79 12.00
C ALA B 196 20.26 37.27 13.22
N ASN B 197 18.95 37.37 13.06
CA ASN B 197 18.04 37.63 14.18
C ASN B 197 17.71 36.28 14.82
N TYR B 198 18.67 35.70 15.56
CA TYR B 198 18.54 34.37 16.18
C TYR B 198 19.58 34.23 17.30
N GLN B 199 19.37 33.21 18.13
CA GLN B 199 20.29 32.77 19.18
C GLN B 199 20.78 31.36 18.82
N GLN B 200 22.04 31.08 19.16
CA GLN B 200 22.88 29.99 18.60
C GLN B 200 23.71 29.36 19.71
N LYS B 201 23.12 29.16 20.90
CA LYS B 201 23.80 28.41 22.01
C LYS B 201 24.01 26.95 21.60
N LEU B 202 25.25 26.47 21.78
CA LEU B 202 25.70 25.06 21.59
C LEU B 202 24.94 24.10 22.54
N SER B 203 24.67 22.87 22.09
CA SER B 203 24.25 21.70 22.93
C SER B 203 25.42 20.73 23.03
N TYR B 204 25.61 20.10 24.19
CA TYR B 204 26.64 19.04 24.41
C TYR B 204 25.94 17.66 24.45
N GLU B 205 24.71 17.59 23.95
CA GLU B 205 24.00 16.32 23.64
C GLU B 205 24.37 15.88 22.22
N LYS B 206 25.11 14.80 22.01
CA LYS B 206 25.64 14.48 20.64
C LYS B 206 24.54 13.90 19.75
N GLY B 207 23.61 13.19 20.38
CA GLY B 207 22.53 12.41 19.75
C GLY B 207 23.06 11.23 18.96
N ASN B 208 22.49 10.97 17.79
CA ASN B 208 22.82 9.76 17.01
C ASN B 208 22.67 10.10 15.52
N TYR B 209 23.59 9.58 14.72
CA TYR B 209 23.64 9.76 13.26
C TYR B 209 23.35 8.41 12.58
N ASN B 210 22.45 8.42 11.59
CA ASN B 210 22.14 7.27 10.71
C ASN B 210 22.71 7.58 9.35
N GLY B 211 23.50 6.68 8.78
CA GLY B 211 24.03 6.86 7.42
C GLY B 211 23.16 6.16 6.40
N ILE B 212 23.49 6.35 5.13
CA ILE B 212 22.74 5.71 4.01
C ILE B 212 22.82 4.19 4.18
N SER B 213 23.96 3.65 4.63
CA SER B 213 24.13 2.19 4.77
C SER B 213 23.28 1.65 5.93
N ASP B 214 22.96 2.46 6.94
CA ASP B 214 22.06 2.02 8.03
C ASP B 214 20.66 1.86 7.41
N PHE B 215 20.22 2.79 6.55
CA PHE B 215 18.91 2.69 5.88
C PHE B 215 18.86 1.41 5.05
N LYS B 216 19.86 1.21 4.18
CA LYS B 216 19.96 0.03 3.30
C LYS B 216 19.91 -1.27 4.12
N ALA B 217 20.56 -1.33 5.29
CA ALA B 217 20.52 -2.51 6.18
C ALA B 217 19.08 -2.76 6.68
N LEU B 218 18.35 -1.72 7.10
CA LEU B 218 16.97 -1.87 7.63
C LEU B 218 16.08 -2.47 6.54
N CYS B 219 16.43 -2.18 5.30
CA CYS B 219 15.60 -2.50 4.11
C CYS B 219 15.61 -4.02 3.89
N LYS B 220 16.70 -4.70 4.27
CA LYS B 220 16.87 -6.15 4.06
C LYS B 220 16.12 -6.88 5.16
N LEU B 221 14.94 -7.39 4.84
CA LEU B 221 14.08 -8.04 5.85
C LEU B 221 14.64 -9.45 6.15
N ASN B 222 14.47 -9.87 7.40
CA ASN B 222 14.71 -11.26 7.86
C ASN B 222 13.35 -11.88 8.17
N LEU B 223 12.83 -12.70 7.26
CA LEU B 223 11.50 -13.37 7.41
C LEU B 223 11.48 -14.30 8.64
N ASP B 224 12.62 -14.65 9.23
CA ASP B 224 12.70 -15.60 10.38
C ASP B 224 12.71 -14.84 11.70
N HIS B 225 12.89 -13.53 11.61
CA HIS B 225 12.96 -12.66 12.82
C HIS B 225 11.67 -12.86 13.58
N ILE B 226 11.77 -13.10 14.89
CA ILE B 226 10.61 -13.31 15.80
C ILE B 226 10.36 -11.99 16.51
N GLY B 227 9.14 -11.48 16.50
CA GLY B 227 8.79 -10.28 17.26
C GLY B 227 7.30 -10.14 17.38
N THR B 228 6.86 -9.00 17.90
CA THR B 228 5.43 -8.70 17.97
C THR B 228 5.00 -8.22 16.56
N LEU B 229 3.72 -8.39 16.30
CA LEU B 229 3.05 -7.87 15.09
C LEU B 229 3.26 -6.35 15.08
N ARG B 230 3.10 -5.68 16.23
CA ARG B 230 3.40 -4.22 16.37
C ARG B 230 4.79 -3.89 15.79
N ASP B 231 5.82 -4.60 16.20
CA ASP B 231 7.22 -4.23 15.87
C ASP B 231 7.46 -4.48 14.38
N HIS B 232 6.82 -5.50 13.85
CA HIS B 232 6.94 -5.85 12.40
C HIS B 232 6.19 -4.79 11.60
N ILE B 233 5.00 -4.43 12.05
CA ILE B 233 4.19 -3.38 11.35
C ILE B 233 4.95 -2.05 11.39
N ASP B 234 5.56 -1.72 12.54
CA ASP B 234 6.33 -0.46 12.72
C ASP B 234 7.50 -0.43 11.74
N LEU B 235 8.23 -1.52 11.58
CA LEU B 235 9.35 -1.60 10.61
C LEU B 235 8.84 -1.38 9.18
N LEU B 236 7.78 -2.11 8.78
CA LEU B 236 7.28 -2.04 7.37
C LEU B 236 6.64 -0.65 7.11
N ARG B 237 5.92 -0.07 8.07
CA ARG B 237 5.37 1.31 7.86
C ARG B 237 6.49 2.34 7.79
N ALA B 238 7.59 2.16 8.56
CA ALA B 238 8.77 3.05 8.54
C ALA B 238 9.40 3.04 7.15
N LEU B 239 9.37 1.89 6.49
CA LEU B 239 10.07 1.61 5.21
C LEU B 239 9.12 1.81 4.01
N SER B 240 7.89 2.27 4.27
CA SER B 240 6.86 2.50 3.25
C SER B 240 6.75 3.98 2.97
N HIS B 241 7.07 4.37 1.74
CA HIS B 241 7.06 5.80 1.34
C HIS B 241 6.68 5.85 -0.14
N GLY B 242 5.39 5.93 -0.40
CA GLY B 242 4.84 6.00 -1.77
C GLY B 242 5.32 4.83 -2.58
N ASP B 243 5.93 5.07 -3.74
CA ASP B 243 6.33 4.00 -4.68
C ASP B 243 7.79 3.62 -4.51
N PHE B 244 8.48 4.16 -3.51
CA PHE B 244 9.91 3.83 -3.29
C PHE B 244 10.02 2.32 -3.08
N ASN B 245 11.07 1.72 -3.65
CA ASN B 245 11.44 0.31 -3.48
C ASN B 245 12.32 0.21 -2.26
N ASN B 246 11.74 0.02 -1.09
CA ASN B 246 12.54 0.07 0.16
C ASN B 246 12.69 -1.35 0.72
N ALA B 247 11.76 -1.78 1.56
CA ALA B 247 11.83 -3.08 2.25
C ALA B 247 11.75 -4.18 1.18
N TYR B 248 12.59 -5.19 1.29
CA TYR B 248 12.57 -6.41 0.44
C TYR B 248 13.09 -7.59 1.25
N TYR B 249 12.74 -8.81 0.85
CA TYR B 249 13.51 -10.04 1.21
C TYR B 249 14.10 -10.64 -0.08
N LEU B 250 15.27 -11.26 0.09
CA LEU B 250 16.04 -11.97 -0.96
C LEU B 250 15.46 -13.38 -1.15
N ARG B 251 15.20 -13.78 -2.38
CA ARG B 251 14.80 -15.18 -2.72
C ARG B 251 16.05 -16.00 -3.03
N PRO B 252 16.05 -17.34 -2.80
CA PRO B 252 17.21 -18.19 -3.14
C PRO B 252 17.86 -17.90 -4.51
N ASP B 253 17.09 -17.63 -5.57
CA ASP B 253 17.65 -17.34 -6.93
C ASP B 253 18.09 -15.87 -7.07
N GLY B 254 18.22 -15.12 -5.96
CA GLY B 254 18.80 -13.77 -5.94
C GLY B 254 17.78 -12.65 -6.15
N SER B 255 16.57 -13.00 -6.59
CA SER B 255 15.49 -12.03 -6.88
C SER B 255 15.02 -11.42 -5.55
N LYS B 256 14.21 -10.37 -5.62
CA LYS B 256 13.76 -9.62 -4.41
C LYS B 256 12.24 -9.50 -4.44
N VAL B 257 11.63 -9.65 -3.27
CA VAL B 257 10.20 -9.28 -3.08
C VAL B 257 10.17 -7.99 -2.28
N TYR B 258 9.70 -6.89 -2.87
CA TYR B 258 9.53 -5.59 -2.16
C TYR B 258 8.19 -5.60 -1.42
N ILE B 259 8.25 -5.18 -0.16
CA ILE B 259 7.09 -5.12 0.77
C ILE B 259 6.79 -3.66 1.08
N ARG B 260 5.52 -3.26 0.97
CA ARG B 260 5.01 -1.93 1.34
C ARG B 260 3.79 -2.19 2.21
N LEU B 261 3.53 -1.28 3.14
CA LEU B 261 2.37 -1.38 4.07
C LEU B 261 1.71 -0.01 4.13
N SER B 262 0.39 0.02 4.19
CA SER B 262 -0.38 1.26 4.46
C SER B 262 -1.11 1.07 5.79
N ALA B 263 -1.41 2.16 6.47
CA ALA B 263 -2.15 2.22 7.75
C ALA B 263 -3.10 3.40 7.66
N GLU B 264 -4.38 3.16 7.88
CA GLU B 264 -5.42 4.17 7.63
C GLU B 264 -6.28 4.25 8.88
N LEU B 265 -6.28 5.42 9.52
CA LEU B 265 -7.16 5.72 10.66
C LEU B 265 -8.58 5.88 10.11
N VAL B 266 -9.51 5.15 10.68
CA VAL B 266 -10.96 5.32 10.39
C VAL B 266 -11.61 5.51 11.76
N LYS B 267 -12.23 6.67 11.98
CA LYS B 267 -12.89 6.97 13.28
C LYS B 267 -14.19 6.15 13.33
#